data_8GV2
#
_entry.id   8GV2
#
_cell.length_a   85.512
_cell.length_b   62.289
_cell.length_c   81.589
_cell.angle_alpha   90
_cell.angle_beta   106.15
_cell.angle_gamma   90
#
_symmetry.space_group_name_H-M   'C 1 2 1'
#
loop_
_entity.id
_entity.type
_entity.pdbx_description
1 polymer 'Anti-factor X IgG fab heavy chain'
2 polymer 'Anti-factor X IgG fab light chain'
3 non-polymer 1,2-ETHANEDIOL
4 water water
#
loop_
_entity_poly.entity_id
_entity_poly.type
_entity_poly.pdbx_seq_one_letter_code
_entity_poly.pdbx_strand_id
1 'polypeptide(L)'
;QVQLVQSGSELKKPGASVKVSCKASGYTFTQNNMDWVRQAPGQGLEWMGDINTRSGGVIYNEEFQDRLIMTVDKSTDTAY
MELSSLRSEDTATYHCARRKSYGYYLDVWGEGTLVTVSSASTKGPSVFPLAPCSRSTSESTAALGCLVKDYFPEPVTVSW
NSGALTSGVHTFPAVLQSSGLYSLSSVVTVPSSSLGTQTYTCNVDHKPSNTKVDKRVESKYGPP
;
A
2 'polypeptide(L)'
;SYVLTQPVSVSVALGQTATITCEGEQIGSKEVHWYHQRPGQAPILVMFRDARRPSGIPERLSGSNSGNTASLTISGAEAG
DEGDYYCQVWDSSSYTVFGGGTKVTVVGQPKAAPSVTLFPPSSEELQANKATLVCLISDFYPGAVTVAWKADSSPVKAGV
ETTTPSKQSNNKYAASSYLSLTPEQWKSHRSYSCQVTHEGSTVEKTVAPTECS
;
B
#
# COMPACT_ATOMS: atom_id res chain seq x y z
N GLN A 1 11.46 -0.42 21.91
CA GLN A 1 11.44 -0.67 20.47
C GLN A 1 11.66 0.64 19.74
N VAL A 2 12.56 0.68 18.75
CA VAL A 2 12.78 1.87 17.91
C VAL A 2 11.51 2.07 17.08
N GLN A 3 10.86 3.25 17.22
CA GLN A 3 9.68 3.57 16.46
C GLN A 3 9.79 4.97 15.95
N LEU A 4 9.29 5.17 14.75
CA LEU A 4 9.22 6.47 14.08
C LEU A 4 7.75 6.65 13.66
N VAL A 5 6.97 7.44 14.40
CA VAL A 5 5.54 7.53 14.18
C VAL A 5 5.23 8.82 13.46
N GLN A 6 4.58 8.76 12.33
CA GLN A 6 4.34 9.88 11.49
C GLN A 6 2.91 10.39 11.60
N SER A 7 2.72 11.66 11.25
CA SER A 7 1.40 12.26 11.29
C SER A 7 0.56 11.74 10.09
N GLY A 8 -0.72 12.02 10.16
CA GLY A 8 -1.69 11.50 9.21
C GLY A 8 -1.64 12.07 7.82
N SER A 9 -2.20 11.33 6.88
CA SER A 9 -2.27 11.74 5.51
C SER A 9 -3.15 13.00 5.31
N GLU A 10 -2.82 13.76 4.27
CA GLU A 10 -3.53 15.00 4.01
C GLU A 10 -3.68 15.31 2.57
N LEU A 11 -4.70 16.11 2.27
CA LEU A 11 -4.92 16.69 0.96
C LEU A 11 -4.61 18.21 1.07
N LYS A 12 -3.76 18.70 0.18
CA LYS A 12 -3.42 20.12 0.19
C LYS A 12 -3.66 20.68 -1.15
N LYS A 13 -4.00 22.00 -1.21
CA LYS A 13 -4.13 22.61 -2.53
C LYS A 13 -2.76 22.98 -3.10
N PRO A 14 -2.64 23.06 -4.43
CA PRO A 14 -1.44 23.61 -5.04
C PRO A 14 -1.15 25.01 -4.48
N GLY A 15 0.11 25.29 -4.22
CA GLY A 15 0.50 26.56 -3.63
C GLY A 15 0.55 26.61 -2.13
N ALA A 16 -0.06 25.63 -1.47
CA ALA A 16 -0.13 25.58 -0.01
C ALA A 16 1.19 24.88 0.56
N SER A 17 1.22 24.63 1.85
CA SER A 17 2.34 23.98 2.46
CA SER A 17 2.33 24.02 2.53
C SER A 17 1.82 22.86 3.36
N VAL A 18 2.67 21.88 3.59
CA VAL A 18 2.32 20.74 4.46
C VAL A 18 3.45 20.58 5.47
N LYS A 19 3.15 20.23 6.69
CA LYS A 19 4.17 19.96 7.70
C LYS A 19 3.89 18.57 8.29
N VAL A 20 4.82 17.65 8.04
CA VAL A 20 4.70 16.29 8.48
C VAL A 20 5.62 16.07 9.67
N SER A 21 5.15 15.33 10.70
CA SER A 21 5.96 15.05 11.87
C SER A 21 6.40 13.57 11.94
N CYS A 22 7.46 13.34 12.66
CA CYS A 22 8.01 12.02 12.84
C CYS A 22 8.48 11.95 14.28
N LYS A 23 7.67 11.33 15.14
CA LYS A 23 8.04 11.23 16.55
C LYS A 23 8.88 10.03 16.76
N ALA A 24 10.05 10.18 17.26
CA ALA A 24 10.97 9.07 17.46
C ALA A 24 10.94 8.60 18.93
N SER A 25 11.06 7.29 19.14
CA SER A 25 11.13 6.76 20.51
C SER A 25 11.91 5.48 20.48
N GLY A 26 12.36 5.08 21.67
CA GLY A 26 13.08 3.82 21.78
C GLY A 26 14.58 3.87 21.65
N TYR A 27 15.12 5.07 21.53
CA TYR A 27 16.52 5.34 21.41
C TYR A 27 16.78 6.81 21.76
N THR A 28 18.05 7.16 21.91
CA THR A 28 18.39 8.54 22.22
C THR A 28 18.34 9.36 20.93
N PHE A 29 17.36 10.26 20.84
CA PHE A 29 17.13 11.04 19.61
C PHE A 29 18.37 11.73 19.02
N THR A 30 19.26 12.31 19.85
CA THR A 30 20.43 13.01 19.36
C THR A 30 21.59 12.15 18.98
N GLN A 31 21.42 10.81 19.01
CA GLN A 31 22.47 9.93 18.56
C GLN A 31 22.41 9.63 17.04
N ASN A 32 21.34 10.06 16.36
CA ASN A 32 21.21 9.75 14.93
C ASN A 32 20.68 10.95 14.17
N ASN A 33 21.16 11.13 12.97
CA ASN A 33 20.55 12.10 12.04
C ASN A 33 19.21 11.51 11.54
N MET A 34 18.34 12.37 11.02
CA MET A 34 17.08 11.92 10.45
C MET A 34 16.98 12.37 9.03
N ASP A 35 16.48 11.49 8.15
CA ASP A 35 16.33 11.81 6.72
C ASP A 35 14.88 11.76 6.32
N TRP A 36 14.59 12.40 5.20
CA TRP A 36 13.26 12.39 4.62
C TRP A 36 13.41 11.90 3.19
N VAL A 37 12.57 10.92 2.82
CA VAL A 37 12.62 10.29 1.50
C VAL A 37 11.16 10.22 1.03
N ARG A 38 10.87 10.54 -0.23
CA ARG A 38 9.48 10.44 -0.65
C ARG A 38 9.38 9.45 -1.83
N GLN A 39 8.15 9.02 -2.09
CA GLN A 39 7.90 8.08 -3.17
C GLN A 39 6.57 8.45 -3.80
N ALA A 40 6.63 8.91 -5.04
CA ALA A 40 5.35 9.19 -5.74
C ALA A 40 4.73 7.84 -6.09
N PRO A 41 3.41 7.79 -6.31
CA PRO A 41 2.76 6.49 -6.58
C PRO A 41 3.31 5.78 -7.82
N GLY A 42 3.72 4.54 -7.58
CA GLY A 42 4.30 3.68 -8.60
C GLY A 42 5.71 4.01 -9.00
N GLN A 43 6.37 4.96 -8.31
CA GLN A 43 7.71 5.41 -8.69
C GLN A 43 8.77 5.03 -7.63
N GLY A 44 9.99 5.48 -7.87
CA GLY A 44 11.07 5.10 -6.97
C GLY A 44 11.22 6.02 -5.75
N LEU A 45 12.27 5.82 -5.04
CA LEU A 45 12.58 6.62 -3.83
C LEU A 45 13.34 7.84 -4.21
N GLU A 46 12.97 9.01 -3.63
CA GLU A 46 13.62 10.29 -3.90
C GLU A 46 14.08 10.88 -2.56
N TRP A 47 15.37 11.00 -2.33
CA TRP A 47 15.90 11.55 -1.10
C TRP A 47 15.69 13.05 -1.06
N MET A 48 15.21 13.58 0.08
CA MET A 48 14.96 15.01 0.18
C MET A 48 15.98 15.75 1.00
N GLY A 49 16.46 15.13 2.06
CA GLY A 49 17.43 15.80 2.92
C GLY A 49 17.71 15.07 4.21
N ASP A 50 18.67 15.58 4.98
CA ASP A 50 19.10 14.92 6.20
C ASP A 50 19.33 16.00 7.26
N ILE A 51 18.94 15.77 8.48
CA ILE A 51 19.09 16.75 9.55
C ILE A 51 19.90 16.18 10.68
N ASN A 52 20.83 17.01 11.18
CA ASN A 52 21.60 16.68 12.37
C ASN A 52 20.71 17.07 13.58
N THR A 53 20.30 16.11 14.41
CA THR A 53 19.37 16.32 15.48
C THR A 53 19.97 17.07 16.68
N ARG A 54 21.28 17.28 16.67
CA ARG A 54 21.92 18.07 17.73
C ARG A 54 21.98 19.55 17.34
N SER A 55 22.45 19.83 16.13
CA SER A 55 22.65 21.22 15.69
C SER A 55 21.50 21.79 14.89
N GLY A 56 20.65 20.92 14.35
CA GLY A 56 19.57 21.37 13.48
C GLY A 56 20.07 21.76 12.10
N GLY A 57 21.35 21.56 11.80
CA GLY A 57 21.86 21.79 10.46
C GLY A 57 21.38 20.72 9.51
N VAL A 58 21.10 21.07 8.27
CA VAL A 58 20.58 20.11 7.31
CA VAL A 58 20.58 20.13 7.28
C VAL A 58 21.45 20.04 6.07
N ILE A 59 21.36 18.95 5.33
CA ILE A 59 21.91 18.87 3.99
CA ILE A 59 21.94 18.82 4.03
C ILE A 59 20.70 18.58 3.13
N TYR A 60 20.47 19.38 2.11
CA TYR A 60 19.30 19.18 1.31
CA TYR A 60 19.33 19.23 1.15
C TYR A 60 19.66 18.57 -0.08
N ASN A 61 18.65 17.91 -0.70
CA ASN A 61 18.71 17.57 -2.08
C ASN A 61 18.42 19.00 -2.71
N GLU A 62 19.34 19.48 -3.56
CA GLU A 62 19.24 20.84 -4.11
C GLU A 62 17.91 21.14 -4.72
N GLU A 63 17.25 20.15 -5.29
CA GLU A 63 15.98 20.37 -5.94
C GLU A 63 14.84 20.81 -5.01
N PHE A 64 15.03 20.58 -3.69
CA PHE A 64 14.01 20.90 -2.70
C PHE A 64 14.37 22.06 -1.79
N GLN A 65 15.63 22.50 -1.79
CA GLN A 65 16.09 23.48 -0.83
C GLN A 65 15.29 24.73 -0.73
N ASP A 66 14.86 25.25 -1.84
CA ASP A 66 14.15 26.51 -1.79
C ASP A 66 12.82 26.46 -1.09
N ARG A 67 12.20 25.24 -0.99
CA ARG A 67 10.87 25.15 -0.42
C ARG A 67 10.70 24.06 0.59
N LEU A 68 11.75 23.55 1.15
CA LEU A 68 11.71 22.50 2.19
C LEU A 68 12.41 23.02 3.43
N ILE A 69 11.75 22.96 4.56
CA ILE A 69 12.33 23.30 5.85
C ILE A 69 12.32 22.05 6.70
N MET A 70 13.46 21.55 7.09
CA MET A 70 13.54 20.43 8.01
CA MET A 70 13.55 20.42 7.99
C MET A 70 13.98 20.95 9.36
N THR A 71 13.27 20.56 10.41
CA THR A 71 13.59 21.01 11.78
C THR A 71 13.41 19.84 12.71
N VAL A 72 13.86 20.00 13.95
CA VAL A 72 13.61 19.05 15.00
C VAL A 72 13.21 19.80 16.23
N ASP A 73 12.45 19.11 17.09
CA ASP A 73 12.14 19.63 18.42
C ASP A 73 12.85 18.70 19.35
N LYS A 74 13.99 19.11 19.91
CA LYS A 74 14.73 18.23 20.81
C LYS A 74 13.98 17.98 22.14
N SER A 75 12.97 18.82 22.48
CA SER A 75 12.22 18.59 23.71
CA SER A 75 12.17 18.63 23.69
C SER A 75 11.17 17.50 23.55
N THR A 76 10.72 17.20 22.30
CA THR A 76 9.72 16.15 22.09
C THR A 76 10.26 15.00 21.17
N ASP A 77 11.58 14.95 20.89
CA ASP A 77 12.23 13.94 20.00
C ASP A 77 11.45 13.80 18.68
N THR A 78 11.07 14.95 18.10
CA THR A 78 10.27 14.90 16.90
C THR A 78 11.00 15.61 15.78
N ALA A 79 10.97 15.02 14.57
CA ALA A 79 11.51 15.66 13.39
C ALA A 79 10.37 16.11 12.49
N TYR A 80 10.51 17.23 11.80
CA TYR A 80 9.45 17.78 10.97
C TYR A 80 9.98 18.10 9.59
N MET A 81 9.13 17.97 8.61
CA MET A 81 9.37 18.30 7.21
CA MET A 81 9.45 18.44 7.27
C MET A 81 8.29 19.31 6.82
N GLU A 82 8.63 20.48 6.35
CA GLU A 82 7.60 21.41 5.86
C GLU A 82 7.90 21.70 4.44
N LEU A 83 7.04 21.26 3.53
CA LEU A 83 7.21 21.46 2.09
C LEU A 83 6.20 22.49 1.60
N SER A 84 6.68 23.58 1.04
CA SER A 84 5.83 24.71 0.66
C SER A 84 5.79 24.89 -0.81
N SER A 85 4.91 25.86 -1.25
CA SER A 85 4.66 26.08 -2.69
C SER A 85 4.32 24.75 -3.39
N LEU A 86 3.39 23.99 -2.78
CA LEU A 86 3.13 22.62 -3.24
C LEU A 86 2.70 22.54 -4.68
N ARG A 87 3.12 21.49 -5.35
CA ARG A 87 2.83 21.26 -6.75
C ARG A 87 2.14 19.93 -6.90
N SER A 88 1.42 19.73 -8.02
CA SER A 88 0.75 18.47 -8.27
CA SER A 88 0.76 18.47 -8.28
C SER A 88 1.74 17.28 -8.15
N GLU A 89 2.93 17.43 -8.68
CA GLU A 89 3.89 16.35 -8.64
C GLU A 89 4.53 16.08 -7.27
N ASP A 90 4.17 16.87 -6.26
CA ASP A 90 4.58 16.59 -4.91
C ASP A 90 3.68 15.53 -4.27
N THR A 91 2.59 15.06 -4.97
CA THR A 91 1.78 13.97 -4.45
C THR A 91 2.66 12.73 -4.27
N ALA A 92 2.77 12.27 -3.03
CA ALA A 92 3.73 11.19 -2.73
C ALA A 92 3.54 10.73 -1.31
N THR A 93 4.15 9.60 -0.95
CA THR A 93 4.28 9.17 0.41
C THR A 93 5.61 9.64 0.96
N TYR A 94 5.62 10.42 2.03
CA TYR A 94 6.82 11.01 2.63
C TYR A 94 7.18 10.15 3.82
N HIS A 95 8.40 9.61 3.86
CA HIS A 95 8.87 8.86 4.97
C HIS A 95 9.97 9.59 5.70
N CYS A 96 9.96 9.53 7.00
CA CYS A 96 11.15 9.82 7.74
C CYS A 96 11.95 8.52 7.86
N ALA A 97 13.26 8.62 7.95
CA ALA A 97 14.08 7.41 8.09
C ALA A 97 15.28 7.79 8.93
N ARG A 98 15.63 6.96 9.88
CA ARG A 98 16.76 7.24 10.74
C ARG A 98 18.06 6.89 10.03
N ARG A 99 19.04 7.76 10.10
CA ARG A 99 20.35 7.46 9.57
C ARG A 99 21.15 6.70 10.59
N LYS A 100 21.85 5.64 10.15
CA LYS A 100 22.72 4.85 11.06
C LYS A 100 23.67 5.81 11.79
N SER A 101 23.85 5.59 13.12
CA SER A 101 24.79 6.45 13.85
C SER A 101 26.22 6.26 13.30
N TYR A 102 26.88 7.33 12.93
CA TYR A 102 28.22 7.36 12.31
C TYR A 102 28.30 6.69 10.94
N GLY A 103 27.13 6.38 10.37
CA GLY A 103 27.04 5.74 9.08
C GLY A 103 26.19 6.54 8.11
N TYR A 104 25.99 5.93 6.96
CA TYR A 104 25.35 6.62 5.85
C TYR A 104 24.27 5.82 5.18
N TYR A 105 23.76 4.80 5.84
CA TYR A 105 22.58 4.11 5.37
C TYR A 105 21.42 4.42 6.31
N LEU A 106 20.23 4.10 5.89
CA LEU A 106 19.01 4.42 6.63
C LEU A 106 18.50 3.18 7.30
N ASP A 107 18.70 3.05 8.64
CA ASP A 107 18.45 1.77 9.27
C ASP A 107 17.05 1.53 9.75
N VAL A 108 16.20 2.56 9.93
CA VAL A 108 14.84 2.36 10.36
C VAL A 108 13.98 3.34 9.57
N TRP A 109 12.88 2.90 8.97
CA TRP A 109 12.03 3.77 8.18
C TRP A 109 10.67 3.92 8.81
N GLY A 110 10.13 5.13 8.79
CA GLY A 110 8.76 5.35 9.18
C GLY A 110 7.81 4.83 8.12
N GLU A 111 6.57 4.55 8.51
CA GLU A 111 5.60 3.99 7.57
C GLU A 111 5.10 4.94 6.49
N GLY A 112 5.36 6.22 6.64
CA GLY A 112 5.02 7.18 5.61
C GLY A 112 3.72 7.93 5.83
N THR A 113 3.65 9.11 5.21
CA THR A 113 2.47 9.94 5.27
C THR A 113 2.15 10.24 3.83
N LEU A 114 0.91 9.94 3.34
CA LEU A 114 0.56 10.25 1.96
C LEU A 114 0.06 11.71 1.89
N VAL A 115 0.69 12.52 1.09
CA VAL A 115 0.24 13.88 0.88
C VAL A 115 -0.20 13.97 -0.55
N THR A 116 -1.49 14.30 -0.80
CA THR A 116 -2.01 14.49 -2.12
C THR A 116 -2.13 15.99 -2.38
N VAL A 117 -1.60 16.47 -3.48
CA VAL A 117 -1.71 17.88 -3.83
C VAL A 117 -2.65 17.99 -5.02
N SER A 118 -3.80 18.62 -4.79
CA SER A 118 -4.86 18.67 -5.81
C SER A 118 -5.84 19.75 -5.41
N SER A 119 -6.53 20.29 -6.42
CA SER A 119 -7.60 21.25 -6.17
C SER A 119 -8.94 20.52 -5.94
N ALA A 120 -8.98 19.18 -6.03
CA ALA A 120 -10.19 18.42 -5.86
C ALA A 120 -10.68 18.47 -4.44
N SER A 121 -11.97 18.32 -4.24
CA SER A 121 -12.55 18.33 -2.94
C SER A 121 -12.23 17.08 -2.17
N THR A 122 -12.04 17.17 -0.86
CA THR A 122 -11.91 15.98 -0.05
CA THR A 122 -11.95 15.97 -0.02
C THR A 122 -13.35 15.42 0.12
N LYS A 123 -13.48 14.11 0.20
CA LYS A 123 -14.79 13.53 0.40
C LYS A 123 -14.62 12.34 1.31
N GLY A 124 -15.30 12.33 2.42
CA GLY A 124 -15.27 11.22 3.35
C GLY A 124 -16.18 10.10 2.83
N PRO A 125 -15.80 8.85 3.12
CA PRO A 125 -16.56 7.73 2.55
C PRO A 125 -17.92 7.56 3.19
N SER A 126 -18.80 6.91 2.45
CA SER A 126 -20.08 6.43 2.99
C SER A 126 -19.88 4.93 3.19
N VAL A 127 -20.22 4.41 4.37
CA VAL A 127 -19.95 3.02 4.70
C VAL A 127 -21.22 2.22 4.72
N PHE A 128 -21.27 1.16 3.91
CA PHE A 128 -22.46 0.33 3.80
C PHE A 128 -22.14 -1.10 4.26
N PRO A 129 -23.08 -1.74 4.96
CA PRO A 129 -22.83 -3.12 5.41
C PRO A 129 -22.93 -4.12 4.25
N LEU A 130 -22.11 -5.16 4.24
CA LEU A 130 -22.13 -6.19 3.18
C LEU A 130 -22.58 -7.48 3.85
N ALA A 131 -23.72 -8.01 3.45
CA ALA A 131 -24.22 -9.27 4.01
C ALA A 131 -24.99 -10.07 2.97
N PRO A 132 -24.92 -11.40 3.05
CA PRO A 132 -25.74 -12.23 2.16
C PRO A 132 -27.22 -12.05 2.49
N CYS A 133 -28.12 -12.06 1.49
CA CYS A 133 -29.55 -11.90 1.75
C CYS A 133 -30.15 -13.16 2.32
N SER A 134 -29.74 -14.31 1.77
CA SER A 134 -30.17 -15.65 2.16
C SER A 134 -29.34 -16.64 1.33
N ARG A 135 -28.07 -16.82 1.70
CA ARG A 135 -27.17 -17.71 0.97
C ARG A 135 -27.22 -19.14 1.52
N THR A 137 -27.91 -22.91 1.72
CA THR A 137 -26.61 -23.53 1.74
C THR A 137 -25.99 -23.46 3.14
N SER A 138 -26.46 -24.34 4.05
CA SER A 138 -25.98 -24.40 5.43
C SER A 138 -24.50 -24.74 5.53
N GLU A 139 -23.68 -23.80 6.05
CA GLU A 139 -22.23 -23.98 6.18
C GLU A 139 -21.64 -23.17 7.33
N SER A 140 -20.63 -23.72 8.04
CA SER A 140 -19.92 -23.10 9.15
C SER A 140 -19.16 -21.81 8.80
N THR A 141 -19.10 -21.44 7.50
CA THR A 141 -18.46 -20.18 7.10
C THR A 141 -19.51 -19.15 6.72
N ALA A 142 -19.17 -17.89 6.89
CA ALA A 142 -20.05 -16.77 6.59
C ALA A 142 -19.17 -15.56 6.31
N ALA A 143 -19.51 -14.80 5.25
CA ALA A 143 -18.73 -13.62 4.91
C ALA A 143 -19.55 -12.39 5.23
N LEU A 144 -18.98 -11.46 5.99
CA LEU A 144 -19.63 -10.19 6.39
C LEU A 144 -18.67 -9.08 5.94
N GLY A 145 -19.17 -7.90 5.56
CA GLY A 145 -18.25 -6.85 5.12
C GLY A 145 -18.70 -5.44 5.26
N CYS A 146 -17.86 -4.54 4.76
CA CYS A 146 -18.15 -3.10 4.71
C CYS A 146 -17.66 -2.58 3.40
N LEU A 147 -18.52 -1.89 2.68
CA LEU A 147 -18.25 -1.23 1.40
C LEU A 147 -17.96 0.26 1.77
N VAL A 148 -16.72 0.68 1.59
CA VAL A 148 -16.28 2.04 1.93
C VAL A 148 -16.34 2.77 0.58
N LYS A 149 -17.42 3.52 0.38
CA LYS A 149 -17.75 4.07 -0.90
C LYS A 149 -17.43 5.57 -1.11
N ASP A 150 -16.95 5.87 -2.28
CA ASP A 150 -16.84 7.25 -2.76
C ASP A 150 -16.09 8.20 -1.83
N TYR A 151 -14.80 8.01 -1.76
CA TYR A 151 -13.95 8.89 -0.94
C TYR A 151 -12.80 9.43 -1.78
N PHE A 152 -12.23 10.55 -1.27
CA PHE A 152 -11.07 11.11 -1.93
C PHE A 152 -10.33 12.00 -0.93
N PRO A 153 -8.99 11.95 -0.87
CA PRO A 153 -8.07 11.07 -1.59
C PRO A 153 -7.86 9.78 -0.79
N GLU A 154 -6.88 9.00 -1.25
CA GLU A 154 -6.35 7.90 -0.45
C GLU A 154 -5.56 8.55 0.72
N PRO A 155 -5.39 7.85 1.82
CA PRO A 155 -5.75 6.45 2.05
C PRO A 155 -6.88 6.31 3.03
N VAL A 156 -7.37 5.09 3.17
CA VAL A 156 -8.36 4.75 4.16
C VAL A 156 -7.82 3.52 4.94
N THR A 157 -8.15 3.43 6.23
CA THR A 157 -7.78 2.22 7.00
C THR A 157 -9.07 1.65 7.58
N VAL A 158 -9.13 0.33 7.66
CA VAL A 158 -10.31 -0.35 8.19
C VAL A 158 -9.87 -1.30 9.29
N SER A 159 -10.63 -1.36 10.35
CA SER A 159 -10.42 -2.36 11.41
C SER A 159 -11.81 -2.97 11.74
N TRP A 160 -11.84 -4.09 12.50
CA TRP A 160 -13.10 -4.72 12.86
C TRP A 160 -13.16 -4.89 14.35
N ASN A 161 -14.30 -4.55 14.98
CA ASN A 161 -14.57 -4.66 16.41
C ASN A 161 -13.48 -3.94 17.23
N SER A 162 -13.18 -2.69 16.84
CA SER A 162 -12.16 -1.81 17.44
C SER A 162 -10.75 -2.40 17.46
N GLY A 163 -10.48 -3.32 16.54
CA GLY A 163 -9.16 -3.94 16.44
C GLY A 163 -9.07 -5.33 17.05
N ALA A 164 -10.09 -5.74 17.84
CA ALA A 164 -10.10 -7.06 18.49
C ALA A 164 -10.12 -8.19 17.45
N LEU A 165 -10.89 -7.99 16.36
CA LEU A 165 -11.04 -8.96 15.28
C LEU A 165 -9.95 -8.74 14.25
N THR A 166 -9.11 -9.75 14.02
CA THR A 166 -8.01 -9.70 13.07
C THR A 166 -7.98 -10.97 12.19
N SER A 167 -8.38 -12.12 12.75
CA SER A 167 -8.39 -13.37 12.00
C SER A 167 -9.55 -13.43 11.01
N GLY A 168 -9.23 -13.79 9.79
CA GLY A 168 -10.21 -13.89 8.70
C GLY A 168 -10.55 -12.55 8.06
N VAL A 169 -9.91 -11.46 8.49
CA VAL A 169 -10.15 -10.13 7.96
C VAL A 169 -9.40 -9.95 6.66
N HIS A 170 -10.08 -9.46 5.59
CA HIS A 170 -9.37 -9.16 4.37
C HIS A 170 -9.85 -7.81 3.80
N THR A 171 -8.97 -6.80 3.86
CA THR A 171 -9.32 -5.47 3.34
C THR A 171 -8.68 -5.32 1.98
N PHE A 172 -9.51 -5.02 1.00
CA PHE A 172 -9.08 -4.99 -0.37
C PHE A 172 -8.59 -3.61 -0.80
N PRO A 173 -7.62 -3.56 -1.70
CA PRO A 173 -7.20 -2.25 -2.25
C PRO A 173 -8.34 -1.61 -3.02
N ALA A 174 -8.38 -0.28 -2.98
CA ALA A 174 -9.46 0.47 -3.60
C ALA A 174 -9.50 0.46 -5.12
N VAL A 175 -10.72 0.60 -5.67
CA VAL A 175 -10.86 0.88 -7.09
C VAL A 175 -10.91 2.45 -7.22
N LEU A 176 -10.36 2.98 -8.29
CA LEU A 176 -10.50 4.41 -8.57
C LEU A 176 -11.58 4.53 -9.67
N GLN A 177 -12.68 5.17 -9.37
CA GLN A 177 -13.80 5.34 -10.32
C GLN A 177 -13.54 6.49 -11.27
N SER A 178 -14.25 6.50 -12.43
CA SER A 178 -14.06 7.59 -13.39
C SER A 178 -14.47 8.93 -12.80
N SER A 179 -15.31 8.94 -11.73
CA SER A 179 -15.72 10.16 -11.06
C SER A 179 -14.58 10.80 -10.23
N GLY A 180 -13.39 10.15 -10.17
CA GLY A 180 -12.26 10.59 -9.38
C GLY A 180 -12.33 10.18 -7.92
N LEU A 181 -13.33 9.36 -7.54
CA LEU A 181 -13.55 8.91 -6.18
C LEU A 181 -13.10 7.44 -6.05
N TYR A 182 -12.67 7.05 -4.86
CA TYR A 182 -12.24 5.69 -4.62
C TYR A 182 -13.33 4.97 -3.88
N SER A 183 -13.33 3.62 -3.98
CA SER A 183 -14.14 2.79 -3.11
C SER A 183 -13.33 1.52 -2.80
N LEU A 184 -13.53 1.00 -1.62
CA LEU A 184 -12.89 -0.25 -1.26
C LEU A 184 -13.83 -1.08 -0.43
N SER A 185 -13.50 -2.38 -0.25
CA SER A 185 -14.29 -3.23 0.63
C SER A 185 -13.38 -3.95 1.62
N SER A 186 -13.92 -4.27 2.78
CA SER A 186 -13.24 -5.08 3.79
C SER A 186 -14.22 -6.20 4.18
N VAL A 187 -13.78 -7.47 4.17
CA VAL A 187 -14.66 -8.60 4.50
C VAL A 187 -14.05 -9.40 5.68
N VAL A 188 -14.89 -10.01 6.51
CA VAL A 188 -14.44 -10.89 7.57
C VAL A 188 -15.14 -12.24 7.36
N THR A 189 -14.36 -13.33 7.31
CA THR A 189 -14.94 -14.65 7.17
C THR A 189 -14.99 -15.24 8.56
N VAL A 190 -16.20 -15.46 9.07
CA VAL A 190 -16.37 -15.93 10.43
C VAL A 190 -16.81 -17.39 10.51
N PRO A 191 -16.79 -17.88 11.76
CA PRO A 191 -17.69 -18.98 12.13
C PRO A 191 -19.16 -18.58 12.17
N SER A 192 -19.99 -19.35 11.46
CA SER A 192 -21.43 -19.17 11.35
C SER A 192 -22.18 -19.30 12.69
N SER A 193 -21.57 -19.98 13.68
CA SER A 193 -22.20 -20.13 15.00
C SER A 193 -22.13 -18.85 15.81
N SER A 194 -21.03 -18.09 15.67
CA SER A 194 -20.86 -16.84 16.41
C SER A 194 -21.67 -15.65 15.85
N LEU A 195 -22.44 -15.85 14.77
CA LEU A 195 -23.24 -14.82 14.11
C LEU A 195 -24.27 -14.14 15.02
N GLY A 196 -25.00 -14.92 15.79
CA GLY A 196 -26.01 -14.38 16.70
C GLY A 196 -25.48 -13.99 18.08
N THR A 197 -24.31 -14.53 18.46
CA THR A 197 -23.74 -14.28 19.77
C THR A 197 -23.06 -12.92 19.88
N GLN A 198 -22.21 -12.58 18.90
CA GLN A 198 -21.48 -11.31 18.95
C GLN A 198 -21.75 -10.38 17.78
N THR A 199 -21.72 -9.06 18.06
CA THR A 199 -21.90 -8.07 17.01
C THR A 199 -20.61 -7.91 16.20
N TYR A 200 -20.74 -7.53 14.93
CA TYR A 200 -19.57 -7.30 14.07
C TYR A 200 -19.69 -5.86 13.54
N THR A 201 -18.68 -5.03 13.79
CA THR A 201 -18.68 -3.61 13.41
C THR A 201 -17.37 -3.26 12.72
N CYS A 202 -17.40 -2.60 11.53
CA CYS A 202 -16.15 -2.19 10.89
C CYS A 202 -15.88 -0.74 11.31
N ASN A 203 -14.63 -0.37 11.46
CA ASN A 203 -14.23 0.96 11.86
C ASN A 203 -13.37 1.55 10.74
N VAL A 204 -13.89 2.58 10.09
CA VAL A 204 -13.24 3.19 8.93
C VAL A 204 -12.61 4.53 9.28
N ASP A 205 -11.32 4.74 8.92
CA ASP A 205 -10.70 6.03 9.20
C ASP A 205 -10.23 6.65 7.90
N HIS A 206 -10.67 7.90 7.64
CA HIS A 206 -10.22 8.61 6.45
C HIS A 206 -9.62 9.93 6.95
N LYS A 207 -8.32 9.91 7.28
CA LYS A 207 -7.65 11.10 7.83
C LYS A 207 -7.72 12.34 6.96
N PRO A 208 -7.62 12.26 5.62
CA PRO A 208 -7.64 13.53 4.84
C PRO A 208 -8.92 14.34 5.05
N SER A 209 -10.03 13.68 5.39
CA SER A 209 -11.30 14.40 5.60
C SER A 209 -11.71 14.42 7.06
N ASN A 210 -10.86 13.92 7.98
CA ASN A 210 -11.22 13.84 9.40
CA ASN A 210 -11.21 13.83 9.40
C ASN A 210 -12.53 13.06 9.58
N THR A 211 -12.75 12.01 8.75
CA THR A 211 -13.98 11.21 8.84
C THR A 211 -13.67 9.90 9.56
N LYS A 212 -14.49 9.55 10.55
CA LYS A 212 -14.39 8.28 11.29
C LYS A 212 -15.78 7.73 11.32
N VAL A 213 -15.95 6.47 10.85
CA VAL A 213 -17.27 5.84 10.78
C VAL A 213 -17.18 4.44 11.38
N ASP A 214 -18.14 4.08 12.24
CA ASP A 214 -18.25 2.73 12.81
C ASP A 214 -19.54 2.18 12.23
N LYS A 215 -19.50 1.01 11.57
CA LYS A 215 -20.71 0.48 10.97
C LYS A 215 -21.04 -0.95 11.41
N ARG A 216 -22.21 -1.12 12.02
CA ARG A 216 -22.69 -2.42 12.50
C ARG A 216 -23.13 -3.22 11.30
N VAL A 217 -22.55 -4.40 11.11
CA VAL A 217 -22.92 -5.26 9.99
C VAL A 217 -23.86 -6.36 10.49
N GLU A 218 -23.47 -7.04 11.57
CA GLU A 218 -24.29 -8.10 12.17
C GLU A 218 -24.49 -7.81 13.65
N SER A 219 -25.72 -8.00 14.14
CA SER A 219 -26.04 -7.76 15.54
C SER A 219 -26.13 -9.09 16.32
N SER B 1 26.50 15.05 -10.12
CA SER B 1 25.22 14.36 -10.02
C SER B 1 25.46 12.86 -10.21
N TYR B 2 25.90 12.18 -9.13
CA TYR B 2 26.23 10.75 -9.22
C TYR B 2 24.98 9.92 -9.52
N VAL B 3 25.08 9.01 -10.50
CA VAL B 3 23.97 8.19 -10.97
C VAL B 3 24.18 6.70 -10.64
N LEU B 4 23.13 6.03 -10.13
CA LEU B 4 23.11 4.58 -9.92
C LEU B 4 22.10 3.98 -10.85
N THR B 5 22.45 2.95 -11.62
CA THR B 5 21.53 2.33 -12.55
C THR B 5 21.27 0.86 -12.24
N GLN B 6 20.02 0.52 -12.09
CA GLN B 6 19.54 -0.81 -11.83
C GLN B 6 18.68 -1.35 -12.96
N PRO B 7 18.61 -2.66 -13.16
CA PRO B 7 17.66 -3.19 -14.17
C PRO B 7 16.24 -2.89 -13.69
N VAL B 8 15.28 -2.81 -14.64
CA VAL B 8 13.91 -2.53 -14.26
C VAL B 8 13.27 -3.69 -13.52
N SER B 9 13.55 -4.94 -13.95
CA SER B 9 12.89 -6.08 -13.38
C SER B 9 13.77 -7.32 -13.45
N VAL B 10 13.52 -8.20 -12.52
CA VAL B 10 14.20 -9.51 -12.43
C VAL B 10 13.14 -10.52 -12.04
N SER B 11 13.14 -11.71 -12.69
CA SER B 11 12.25 -12.78 -12.24
C SER B 11 13.16 -13.88 -11.70
N VAL B 12 12.66 -14.53 -10.66
CA VAL B 12 13.40 -15.64 -10.07
C VAL B 12 12.37 -16.67 -9.62
N ALA B 13 12.63 -17.98 -9.85
CA ALA B 13 11.71 -19.00 -9.43
C ALA B 13 11.97 -19.46 -8.01
N LEU B 14 10.97 -20.08 -7.37
CA LEU B 14 11.10 -20.61 -6.03
C LEU B 14 12.32 -21.49 -5.91
N GLY B 15 13.11 -21.24 -4.90
CA GLY B 15 14.33 -22.00 -4.63
C GLY B 15 15.54 -21.63 -5.43
N GLN B 16 15.37 -20.67 -6.37
CA GLN B 16 16.39 -20.33 -7.29
C GLN B 16 17.22 -19.09 -6.93
N THR B 17 18.22 -18.77 -7.73
CA THR B 17 19.11 -17.68 -7.49
C THR B 17 19.04 -16.67 -8.58
N ALA B 18 19.02 -15.38 -8.19
CA ALA B 18 19.10 -14.31 -9.18
C ALA B 18 19.88 -13.13 -8.62
N THR B 19 20.47 -12.31 -9.46
CA THR B 19 21.29 -11.21 -9.06
C THR B 19 20.74 -9.92 -9.62
N ILE B 20 20.71 -8.86 -8.79
CA ILE B 20 20.28 -7.53 -9.21
C ILE B 20 21.53 -6.70 -9.21
N THR B 21 21.83 -5.97 -10.30
CA THR B 21 22.98 -5.13 -10.39
C THR B 21 22.69 -3.67 -10.11
N CYS B 22 23.70 -2.95 -9.72
CA CYS B 22 23.64 -1.54 -9.37
C CYS B 22 24.92 -0.94 -9.94
N GLU B 23 24.82 -0.24 -11.08
CA GLU B 23 26.01 0.25 -11.77
C GLU B 23 26.29 1.70 -11.49
N GLY B 24 27.53 2.06 -11.27
CA GLY B 24 27.89 3.44 -11.04
C GLY B 24 29.33 3.61 -11.39
N GLU B 25 29.74 4.79 -11.82
CA GLU B 25 31.15 5.02 -12.16
C GLU B 25 32.00 4.85 -10.91
N GLN B 26 32.92 3.86 -10.98
CA GLN B 26 33.82 3.57 -9.86
CA GLN B 26 33.81 3.52 -9.87
C GLN B 26 33.05 3.26 -8.58
N ILE B 27 31.87 2.66 -8.70
CA ILE B 27 31.08 2.35 -7.50
C ILE B 27 31.84 1.43 -6.55
N GLY B 28 32.79 0.64 -7.09
CA GLY B 28 33.59 -0.25 -6.26
C GLY B 28 34.42 0.47 -5.21
N SER B 29 34.62 1.82 -5.35
CA SER B 29 35.30 2.61 -4.35
C SER B 29 34.38 3.22 -3.28
N LYS B 30 33.07 2.94 -3.42
CA LYS B 30 32.04 3.43 -2.48
C LYS B 30 31.47 2.25 -1.71
N GLU B 31 30.79 2.54 -0.63
CA GLU B 31 30.03 1.49 0.08
C GLU B 31 28.57 1.52 -0.43
N VAL B 32 28.02 0.37 -0.74
CA VAL B 32 26.66 0.29 -1.30
C VAL B 32 25.74 -0.39 -0.31
N HIS B 33 24.51 0.18 -0.18
CA HIS B 33 23.48 -0.32 0.74
C HIS B 33 22.23 -0.64 -0.04
N TRP B 34 21.46 -1.59 0.48
CA TRP B 34 20.27 -2.05 -0.25
C TRP B 34 19.04 -2.11 0.62
N TYR B 35 17.88 -1.82 0.00
CA TYR B 35 16.58 -1.81 0.69
C TYR B 35 15.62 -2.67 -0.10
N HIS B 36 14.75 -3.34 0.65
CA HIS B 36 13.68 -4.15 0.03
C HIS B 36 12.37 -3.53 0.46
N GLN B 37 11.53 -3.21 -0.53
CA GLN B 37 10.19 -2.69 -0.24
C GLN B 37 9.14 -3.70 -0.74
N ARG B 38 8.49 -4.32 0.20
CA ARG B 38 7.41 -5.26 -0.15
C ARG B 38 6.20 -4.46 -0.57
N PRO B 39 5.32 -5.10 -1.39
CA PRO B 39 4.09 -4.42 -1.82
C PRO B 39 3.29 -3.80 -0.67
N GLY B 40 3.00 -2.52 -0.80
CA GLY B 40 2.26 -1.77 0.21
C GLY B 40 2.91 -1.58 1.56
N GLN B 41 4.24 -1.81 1.65
CA GLN B 41 4.96 -1.61 2.91
C GLN B 41 6.04 -0.53 2.73
N ALA B 42 6.64 -0.10 3.84
CA ALA B 42 7.78 0.82 3.82
C ALA B 42 9.09 0.03 3.50
N PRO B 43 10.13 0.66 2.94
CA PRO B 43 11.40 -0.05 2.70
C PRO B 43 12.00 -0.53 3.99
N ILE B 44 12.77 -1.63 3.87
CA ILE B 44 13.58 -2.12 4.96
C ILE B 44 15.01 -2.29 4.48
N LEU B 45 15.96 -2.02 5.33
CA LEU B 45 17.36 -2.24 5.03
C LEU B 45 17.61 -3.76 4.96
N VAL B 46 18.25 -4.23 3.87
CA VAL B 46 18.58 -5.67 3.78
C VAL B 46 20.07 -5.93 3.59
N MET B 47 20.89 -4.92 3.31
CA MET B 47 22.31 -5.15 3.13
C MET B 47 22.99 -3.80 3.29
N PHE B 48 24.15 -3.73 3.97
CA PHE B 48 24.80 -2.43 4.11
C PHE B 48 26.29 -2.62 3.97
N ARG B 49 27.01 -1.55 3.59
CA ARG B 49 28.47 -1.64 3.39
C ARG B 49 28.81 -2.80 2.47
N ASP B 50 28.16 -2.87 1.34
CA ASP B 50 28.31 -3.84 0.27
C ASP B 50 27.77 -5.21 0.53
N ALA B 51 28.09 -5.78 1.70
CA ALA B 51 27.95 -7.22 1.91
C ALA B 51 27.58 -7.58 3.33
N ARG B 52 27.22 -6.60 4.19
CA ARG B 52 26.85 -6.97 5.57
C ARG B 52 25.37 -7.01 5.75
N ARG B 53 24.87 -8.07 6.36
CA ARG B 53 23.40 -8.17 6.59
C ARG B 53 22.97 -7.62 7.94
N PRO B 54 21.87 -6.90 7.99
CA PRO B 54 21.39 -6.41 9.30
C PRO B 54 20.59 -7.54 9.95
N SER B 55 20.05 -7.27 11.15
CA SER B 55 19.31 -8.25 11.88
C SER B 55 18.17 -8.86 11.12
N GLY B 56 18.04 -10.18 11.20
CA GLY B 56 16.92 -10.91 10.62
C GLY B 56 17.06 -11.29 9.16
N ILE B 57 18.07 -10.85 8.43
CA ILE B 57 18.20 -11.16 7.01
C ILE B 57 19.01 -12.48 6.90
N PRO B 58 18.45 -13.47 6.16
CA PRO B 58 19.12 -14.76 6.07
C PRO B 58 20.37 -14.75 5.21
N GLU B 59 21.25 -15.69 5.44
CA GLU B 59 22.51 -15.75 4.71
C GLU B 59 22.31 -16.02 3.20
N ARG B 60 21.15 -16.53 2.80
CA ARG B 60 20.91 -16.75 1.37
C ARG B 60 20.84 -15.45 0.57
N LEU B 61 20.81 -14.27 1.21
CA LEU B 61 20.93 -13.00 0.52
C LEU B 61 22.40 -12.57 0.66
N SER B 62 23.05 -12.20 -0.45
CA SER B 62 24.42 -11.77 -0.39
C SER B 62 24.67 -10.55 -1.23
N GLY B 63 25.72 -9.80 -0.91
CA GLY B 63 26.04 -8.61 -1.68
C GLY B 63 27.50 -8.56 -2.08
N SER B 64 27.82 -7.84 -3.16
CA SER B 64 29.20 -7.66 -3.56
C SER B 64 29.33 -6.32 -4.27
N ASN B 65 30.55 -5.85 -4.43
CA ASN B 65 30.79 -4.57 -5.10
C ASN B 65 32.19 -4.51 -5.62
N SER B 66 32.35 -4.31 -6.91
CA SER B 66 33.70 -4.20 -7.47
C SER B 66 33.60 -3.45 -8.81
N GLY B 67 34.65 -2.69 -9.11
CA GLY B 67 34.71 -1.96 -10.38
C GLY B 67 33.59 -0.95 -10.51
N ASN B 68 32.77 -1.13 -11.51
CA ASN B 68 31.63 -0.23 -11.76
C ASN B 68 30.29 -0.96 -11.49
N THR B 69 30.30 -2.12 -10.80
CA THR B 69 29.06 -2.85 -10.57
C THR B 69 28.97 -3.41 -9.18
N ALA B 70 27.92 -3.04 -8.47
CA ALA B 70 27.60 -3.66 -7.19
C ALA B 70 26.43 -4.61 -7.47
N SER B 71 26.25 -5.63 -6.61
CA SER B 71 25.15 -6.56 -6.83
CA SER B 71 25.26 -6.66 -6.86
C SER B 71 24.61 -7.15 -5.59
N LEU B 72 23.34 -7.54 -5.68
CA LEU B 72 22.63 -8.20 -4.59
C LEU B 72 22.14 -9.50 -5.13
N THR B 73 22.46 -10.63 -4.48
CA THR B 73 22.04 -11.94 -4.98
C THR B 73 21.08 -12.58 -4.03
N ILE B 74 19.91 -12.94 -4.51
CA ILE B 74 18.93 -13.64 -3.70
C ILE B 74 19.04 -15.13 -4.08
N SER B 75 19.40 -15.99 -3.15
CA SER B 75 19.42 -17.45 -3.43
C SER B 75 18.32 -18.10 -2.61
N GLY B 76 17.92 -19.33 -2.95
CA GLY B 76 16.85 -20.03 -2.23
C GLY B 76 15.58 -19.19 -2.21
N ALA B 77 15.27 -18.58 -3.35
CA ALA B 77 14.15 -17.59 -3.39
C ALA B 77 12.85 -18.07 -2.77
N GLU B 78 12.22 -17.21 -1.93
CA GLU B 78 10.97 -17.51 -1.21
C GLU B 78 9.98 -16.48 -1.68
N ALA B 79 8.70 -16.80 -1.44
CA ALA B 79 7.64 -15.89 -1.86
C ALA B 79 7.76 -14.50 -1.25
N GLY B 80 8.19 -14.43 -0.01
CA GLY B 80 8.33 -13.12 0.64
C GLY B 80 9.42 -12.26 0.06
N ASP B 81 10.29 -12.79 -0.80
CA ASP B 81 11.35 -11.98 -1.40
C ASP B 81 10.85 -11.00 -2.46
N GLU B 82 9.57 -11.18 -2.92
CA GLU B 82 9.02 -10.31 -3.95
CA GLU B 82 9.02 -10.33 -3.94
C GLU B 82 8.99 -8.85 -3.48
N GLY B 83 9.14 -7.96 -4.45
CA GLY B 83 9.10 -6.52 -4.14
C GLY B 83 10.14 -5.76 -4.87
N ASP B 84 10.31 -4.48 -4.51
CA ASP B 84 11.23 -3.61 -5.17
C ASP B 84 12.51 -3.47 -4.35
N TYR B 85 13.63 -3.58 -4.99
CA TYR B 85 14.91 -3.46 -4.32
C TYR B 85 15.62 -2.24 -4.82
N TYR B 86 16.17 -1.43 -3.88
CA TYR B 86 16.87 -0.22 -4.22
C TYR B 86 18.28 -0.25 -3.70
N CYS B 87 19.25 0.12 -4.54
CA CYS B 87 20.59 0.33 -4.04
C CYS B 87 20.77 1.81 -3.67
N GLN B 88 21.81 2.11 -2.89
CA GLN B 88 22.06 3.45 -2.40
C GLN B 88 23.50 3.65 -2.06
N VAL B 89 24.01 4.86 -2.32
CA VAL B 89 25.35 5.22 -1.86
C VAL B 89 25.27 6.60 -1.20
N TRP B 90 26.35 6.97 -0.51
CA TRP B 90 26.54 8.35 -0.04
C TRP B 90 27.68 8.84 -0.91
N ASP B 91 27.51 9.98 -1.52
CA ASP B 91 28.54 10.60 -2.33
C ASP B 91 28.89 11.92 -1.62
N SER B 92 30.16 12.29 -1.56
CA SER B 92 30.56 13.50 -0.83
C SER B 92 29.99 14.81 -1.44
N SER B 93 29.60 14.79 -2.73
CA SER B 93 29.03 15.95 -3.42
C SER B 93 27.55 15.79 -3.70
N SER B 94 27.11 14.57 -4.05
CA SER B 94 25.69 14.36 -4.35
C SER B 94 24.88 13.89 -3.14
N TYR B 95 25.53 13.56 -2.03
CA TYR B 95 24.91 13.09 -0.80
C TYR B 95 24.23 11.75 -1.03
N THR B 96 23.01 11.53 -0.53
CA THR B 96 22.38 10.22 -0.65
C THR B 96 21.79 10.04 -2.03
N VAL B 97 22.22 8.97 -2.75
CA VAL B 97 21.76 8.68 -4.09
C VAL B 97 21.12 7.29 -4.11
N PHE B 98 19.94 7.13 -4.70
CA PHE B 98 19.30 5.85 -4.82
C PHE B 98 19.29 5.42 -6.28
N GLY B 99 19.39 4.12 -6.52
CA GLY B 99 19.11 3.57 -7.82
C GLY B 99 17.60 3.67 -8.08
N GLY B 100 17.20 3.44 -9.33
CA GLY B 100 15.78 3.54 -9.67
C GLY B 100 14.88 2.40 -9.25
N GLY B 101 15.48 1.35 -8.68
CA GLY B 101 14.72 0.21 -8.26
C GLY B 101 14.63 -0.91 -9.26
N THR B 102 14.63 -2.10 -8.75
CA THR B 102 14.40 -3.29 -9.55
C THR B 102 13.22 -3.99 -8.95
N LYS B 103 12.22 -4.33 -9.80
CA LYS B 103 11.09 -5.10 -9.37
C LYS B 103 11.40 -6.61 -9.49
N VAL B 104 11.29 -7.32 -8.35
CA VAL B 104 11.59 -8.75 -8.30
C VAL B 104 10.29 -9.48 -8.16
N THR B 105 10.06 -10.42 -9.12
CA THR B 105 8.88 -11.27 -9.05
C THR B 105 9.38 -12.72 -8.84
N VAL B 106 8.78 -13.38 -7.94
CA VAL B 106 9.08 -14.79 -7.60
C VAL B 106 8.08 -15.67 -8.39
N VAL B 107 8.60 -16.44 -9.37
CA VAL B 107 7.84 -17.31 -10.29
C VAL B 107 8.00 -18.83 -9.89
N GLY B 108 7.52 -19.75 -10.75
CA GLY B 108 7.50 -21.18 -10.44
C GLY B 108 6.66 -21.50 -9.21
N GLN B 109 5.69 -20.61 -8.84
CA GLN B 109 4.91 -20.84 -7.62
C GLN B 109 3.66 -21.73 -7.92
N PRO B 110 3.11 -22.38 -6.87
CA PRO B 110 1.99 -23.30 -7.10
C PRO B 110 0.67 -22.60 -7.13
N LYS B 111 -0.27 -23.22 -7.81
CA LYS B 111 -1.63 -22.72 -7.99
C LYS B 111 -2.42 -22.72 -6.71
N ALA B 112 -3.16 -21.62 -6.48
CA ALA B 112 -4.10 -21.52 -5.38
C ALA B 112 -5.38 -20.98 -6.01
N ALA B 113 -6.49 -21.72 -5.84
CA ALA B 113 -7.74 -21.30 -6.48
C ALA B 113 -8.38 -20.19 -5.71
N PRO B 114 -9.03 -19.25 -6.39
CA PRO B 114 -9.64 -18.14 -5.66
C PRO B 114 -10.89 -18.47 -4.85
N SER B 115 -11.06 -17.71 -3.78
CA SER B 115 -12.26 -17.72 -2.97
CA SER B 115 -12.26 -17.70 -2.94
C SER B 115 -13.05 -16.51 -3.50
N VAL B 116 -14.32 -16.69 -3.88
CA VAL B 116 -15.13 -15.61 -4.46
C VAL B 116 -16.34 -15.36 -3.59
N THR B 117 -16.59 -14.08 -3.22
CA THR B 117 -17.79 -13.75 -2.46
C THR B 117 -18.52 -12.67 -3.22
N LEU B 118 -19.84 -12.80 -3.37
CA LEU B 118 -20.65 -11.80 -4.06
C LEU B 118 -21.67 -11.27 -3.12
N PHE B 119 -21.67 -9.92 -2.92
CA PHE B 119 -22.63 -9.32 -2.05
C PHE B 119 -23.63 -8.52 -2.87
N PRO B 120 -24.90 -8.55 -2.46
CA PRO B 120 -25.92 -7.72 -3.12
C PRO B 120 -25.84 -6.26 -2.60
N PRO B 121 -26.56 -5.31 -3.25
CA PRO B 121 -26.64 -3.96 -2.66
C PRO B 121 -27.29 -4.00 -1.27
N SER B 122 -26.80 -3.19 -0.34
CA SER B 122 -27.36 -3.15 1.01
C SER B 122 -28.67 -2.37 1.02
N SER B 123 -29.48 -2.56 2.09
CA SER B 123 -30.70 -1.79 2.27
C SER B 123 -30.37 -0.30 2.43
N GLU B 124 -29.28 0.03 3.12
CA GLU B 124 -28.85 1.41 3.33
CA GLU B 124 -28.86 1.41 3.33
C GLU B 124 -28.54 2.09 2.01
N GLU B 125 -27.93 1.35 1.06
CA GLU B 125 -27.56 1.94 -0.21
C GLU B 125 -28.73 2.13 -1.08
N LEU B 126 -29.65 1.14 -1.10
CA LEU B 126 -30.88 1.26 -1.89
C LEU B 126 -31.70 2.47 -1.39
N GLN B 127 -31.68 2.74 -0.07
CA GLN B 127 -32.37 3.91 0.48
C GLN B 127 -31.78 5.22 -0.14
N ALA B 128 -30.46 5.24 -0.39
CA ALA B 128 -29.77 6.38 -1.01
C ALA B 128 -29.87 6.39 -2.54
N ASN B 129 -30.80 5.61 -3.13
CA ASN B 129 -31.05 5.58 -4.58
C ASN B 129 -29.88 5.06 -5.39
N LYS B 130 -29.09 4.16 -4.80
CA LYS B 130 -27.98 3.56 -5.52
C LYS B 130 -27.97 2.02 -5.30
N ALA B 131 -27.25 1.28 -6.13
CA ALA B 131 -27.15 -0.19 -5.95
C ALA B 131 -25.79 -0.62 -6.47
N THR B 132 -24.93 -1.15 -5.60
CA THR B 132 -23.63 -1.64 -6.04
C THR B 132 -23.59 -3.11 -5.66
N LEU B 133 -23.24 -3.93 -6.63
CA LEU B 133 -22.98 -5.35 -6.32
C LEU B 133 -21.46 -5.47 -6.16
N VAL B 134 -20.99 -6.23 -5.17
CA VAL B 134 -19.56 -6.31 -4.83
C VAL B 134 -19.05 -7.74 -4.93
N CYS B 135 -18.11 -7.99 -5.82
CA CYS B 135 -17.56 -9.29 -6.02
C CYS B 135 -16.11 -9.25 -5.54
N LEU B 136 -15.78 -10.04 -4.51
CA LEU B 136 -14.44 -10.02 -3.89
C LEU B 136 -13.79 -11.34 -4.21
N ILE B 137 -12.53 -11.30 -4.65
CA ILE B 137 -11.81 -12.45 -5.15
C ILE B 137 -10.48 -12.51 -4.41
N SER B 138 -10.27 -13.54 -3.63
CA SER B 138 -9.05 -13.62 -2.79
C SER B 138 -8.29 -14.95 -2.88
N ASP B 139 -7.04 -14.92 -2.38
CA ASP B 139 -6.21 -16.09 -2.20
C ASP B 139 -5.90 -16.84 -3.48
N PHE B 140 -5.72 -16.14 -4.60
CA PHE B 140 -5.42 -16.81 -5.85
C PHE B 140 -3.96 -16.66 -6.31
N TYR B 141 -3.48 -17.58 -7.14
CA TYR B 141 -2.13 -17.52 -7.70
C TYR B 141 -2.05 -18.41 -8.92
N PRO B 142 -1.54 -17.97 -10.09
CA PRO B 142 -0.96 -16.64 -10.45
C PRO B 142 -1.98 -15.49 -10.49
N GLY B 143 -1.53 -14.30 -10.85
CA GLY B 143 -2.39 -13.11 -10.84
C GLY B 143 -3.44 -12.99 -11.92
N ALA B 144 -3.21 -13.56 -13.11
CA ALA B 144 -4.18 -13.46 -14.21
C ALA B 144 -5.62 -13.95 -13.78
N VAL B 145 -6.60 -13.04 -13.82
CA VAL B 145 -7.99 -13.35 -13.45
C VAL B 145 -8.90 -12.56 -14.39
N THR B 146 -9.97 -13.19 -14.87
CA THR B 146 -10.94 -12.52 -15.70
C THR B 146 -12.27 -12.48 -14.94
N VAL B 147 -12.95 -11.36 -14.99
CA VAL B 147 -14.22 -11.19 -14.29
C VAL B 147 -15.25 -10.76 -15.27
N ALA B 148 -16.39 -11.46 -15.29
CA ALA B 148 -17.49 -11.10 -16.18
C ALA B 148 -18.77 -11.07 -15.37
N TRP B 149 -19.61 -10.07 -15.59
CA TRP B 149 -20.89 -9.94 -14.91
C TRP B 149 -22.01 -10.25 -15.87
N LYS B 150 -23.08 -10.88 -15.34
CA LYS B 150 -24.26 -11.23 -16.11
C LYS B 150 -25.52 -10.78 -15.39
N ALA B 151 -26.55 -10.37 -16.14
CA ALA B 151 -27.86 -10.00 -15.63
C ALA B 151 -28.81 -10.96 -16.33
N ASP B 152 -29.30 -11.97 -15.60
CA ASP B 152 -30.12 -13.06 -16.17
C ASP B 152 -29.43 -13.73 -17.35
N SER B 153 -28.14 -14.03 -17.19
CA SER B 153 -27.31 -14.72 -18.20
C SER B 153 -26.72 -13.83 -19.28
N SER B 154 -27.28 -12.63 -19.49
CA SER B 154 -26.81 -11.74 -20.53
C SER B 154 -25.63 -10.89 -20.04
N PRO B 155 -24.56 -10.81 -20.82
CA PRO B 155 -23.38 -10.05 -20.35
C PRO B 155 -23.69 -8.59 -20.04
N VAL B 156 -23.10 -8.08 -18.95
CA VAL B 156 -23.27 -6.68 -18.59
C VAL B 156 -22.03 -5.91 -19.06
N LYS B 157 -22.20 -5.01 -20.03
CA LYS B 157 -21.08 -4.23 -20.56
C LYS B 157 -21.21 -2.73 -20.22
N ALA B 158 -21.70 -2.41 -19.01
CA ALA B 158 -21.85 -1.06 -18.50
C ALA B 158 -21.88 -1.10 -16.99
N GLY B 159 -21.20 -0.15 -16.35
CA GLY B 159 -21.20 -0.06 -14.89
C GLY B 159 -20.23 -0.95 -14.15
N VAL B 160 -19.28 -1.59 -14.85
CA VAL B 160 -18.32 -2.47 -14.20
C VAL B 160 -16.97 -1.83 -13.99
N GLU B 161 -16.46 -1.92 -12.78
CA GLU B 161 -15.15 -1.37 -12.41
CA GLU B 161 -15.14 -1.40 -12.46
C GLU B 161 -14.39 -2.49 -11.71
N THR B 162 -13.33 -3.01 -12.34
CA THR B 162 -12.56 -4.08 -11.73
C THR B 162 -11.17 -3.57 -11.42
N THR B 163 -10.66 -4.02 -10.31
CA THR B 163 -9.37 -3.68 -9.79
C THR B 163 -8.33 -4.59 -10.46
N THR B 164 -7.11 -4.07 -10.68
CA THR B 164 -6.03 -4.92 -11.22
CA THR B 164 -6.04 -4.91 -11.23
C THR B 164 -5.60 -5.78 -10.04
N PRO B 165 -5.31 -7.08 -10.25
CA PRO B 165 -4.93 -7.92 -9.11
C PRO B 165 -3.72 -7.40 -8.33
N SER B 166 -3.77 -7.46 -6.98
CA SER B 166 -2.63 -7.02 -6.16
C SER B 166 -2.27 -8.11 -5.14
N LYS B 167 -0.99 -8.17 -4.73
CA LYS B 167 -0.55 -9.16 -3.78
C LYS B 167 -0.99 -8.93 -2.36
N GLN B 168 -1.35 -10.01 -1.69
CA GLN B 168 -1.73 -10.05 -0.29
C GLN B 168 -0.46 -10.34 0.53
N SER B 169 -0.53 -10.22 1.86
CA SER B 169 0.63 -10.56 2.71
C SER B 169 0.94 -12.08 2.65
N ASN B 170 -0.05 -12.89 2.19
CA ASN B 170 -0.08 -14.33 1.92
C ASN B 170 0.75 -14.71 0.67
N ASN B 171 1.17 -13.71 -0.13
CA ASN B 171 1.85 -13.88 -1.42
C ASN B 171 0.91 -14.43 -2.51
N LYS B 172 -0.39 -14.43 -2.25
CA LYS B 172 -1.44 -14.76 -3.18
C LYS B 172 -2.08 -13.40 -3.57
N TYR B 173 -2.84 -13.36 -4.64
CA TYR B 173 -3.43 -12.13 -5.13
C TYR B 173 -4.88 -11.95 -4.67
N ALA B 174 -5.35 -10.70 -4.75
CA ALA B 174 -6.73 -10.29 -4.49
C ALA B 174 -7.14 -9.28 -5.52
N ALA B 175 -8.43 -9.24 -5.80
CA ALA B 175 -9.01 -8.30 -6.75
C ALA B 175 -10.48 -8.13 -6.34
N SER B 176 -11.05 -7.01 -6.77
CA SER B 176 -12.44 -6.63 -6.53
C SER B 176 -13.08 -6.20 -7.80
N SER B 177 -14.37 -6.47 -7.93
CA SER B 177 -15.14 -5.97 -9.04
C SER B 177 -16.45 -5.46 -8.54
N TYR B 178 -16.84 -4.31 -9.04
CA TYR B 178 -18.03 -3.63 -8.61
C TYR B 178 -18.96 -3.36 -9.78
N LEU B 179 -20.23 -3.68 -9.62
CA LEU B 179 -21.23 -3.41 -10.65
C LEU B 179 -22.19 -2.35 -10.13
N SER B 180 -22.28 -1.21 -10.83
CA SER B 180 -23.18 -0.12 -10.45
C SER B 180 -24.48 -0.19 -11.22
N LEU B 181 -25.60 -0.19 -10.51
CA LEU B 181 -26.94 -0.23 -11.10
C LEU B 181 -27.81 0.81 -10.42
N THR B 182 -28.96 1.14 -11.04
CA THR B 182 -29.94 1.95 -10.31
C THR B 182 -30.78 0.94 -9.48
N PRO B 183 -31.50 1.38 -8.43
CA PRO B 183 -32.41 0.43 -7.73
C PRO B 183 -33.42 -0.23 -8.67
N GLU B 184 -33.91 0.48 -9.72
CA GLU B 184 -34.89 -0.10 -10.65
C GLU B 184 -34.27 -1.21 -11.49
N GLN B 185 -33.01 -1.02 -11.98
CA GLN B 185 -32.29 -2.03 -12.77
C GLN B 185 -32.08 -3.26 -11.88
N TRP B 186 -31.67 -3.05 -10.61
CA TRP B 186 -31.42 -4.17 -9.69
C TRP B 186 -32.68 -5.06 -9.53
N LYS B 187 -33.84 -4.45 -9.24
CA LYS B 187 -35.10 -5.19 -9.08
C LYS B 187 -35.73 -5.68 -10.38
N SER B 188 -35.19 -5.31 -11.56
CA SER B 188 -35.78 -5.73 -12.83
C SER B 188 -35.29 -7.09 -13.36
N HIS B 189 -34.37 -7.73 -12.65
CA HIS B 189 -33.83 -9.01 -13.06
C HIS B 189 -34.05 -10.05 -11.98
N ARG B 190 -34.18 -11.33 -12.39
CA ARG B 190 -34.34 -12.42 -11.44
C ARG B 190 -33.01 -12.69 -10.71
N SER B 191 -31.88 -12.60 -11.43
CA SER B 191 -30.58 -12.89 -10.83
C SER B 191 -29.45 -12.07 -11.44
N TYR B 192 -28.35 -11.90 -10.68
CA TYR B 192 -27.11 -11.29 -11.20
C TYR B 192 -25.97 -12.24 -10.86
N SER B 193 -24.96 -12.37 -11.73
CA SER B 193 -23.82 -13.23 -11.40
C SER B 193 -22.48 -12.57 -11.66
N CYS B 194 -21.51 -12.92 -10.83
CA CYS B 194 -20.11 -12.54 -10.97
C CYS B 194 -19.38 -13.86 -11.33
N GLN B 195 -18.76 -13.90 -12.49
CA GLN B 195 -18.08 -15.09 -12.99
C GLN B 195 -16.59 -14.82 -13.01
N VAL B 196 -15.79 -15.63 -12.36
CA VAL B 196 -14.34 -15.42 -12.24
C VAL B 196 -13.62 -16.61 -12.88
N THR B 197 -12.71 -16.35 -13.82
CA THR B 197 -11.95 -17.40 -14.46
C THR B 197 -10.50 -17.27 -14.05
N HIS B 198 -9.92 -18.36 -13.54
CA HIS B 198 -8.52 -18.36 -13.09
C HIS B 198 -7.86 -19.67 -13.55
N GLU B 199 -6.78 -19.56 -14.34
CA GLU B 199 -6.05 -20.71 -14.88
C GLU B 199 -6.98 -21.76 -15.50
N GLY B 200 -7.88 -21.30 -16.35
CA GLY B 200 -8.84 -22.18 -17.01
C GLY B 200 -10.04 -22.66 -16.20
N SER B 201 -10.13 -22.31 -14.92
CA SER B 201 -11.28 -22.75 -14.12
C SER B 201 -12.19 -21.60 -13.88
N THR B 202 -13.50 -21.76 -14.11
CA THR B 202 -14.45 -20.68 -13.87
C THR B 202 -15.29 -20.99 -12.67
N VAL B 203 -15.44 -19.99 -11.79
CA VAL B 203 -16.34 -20.13 -10.65
CA VAL B 203 -16.25 -20.07 -10.59
C VAL B 203 -17.31 -18.97 -10.70
N GLU B 204 -18.52 -19.20 -10.21
CA GLU B 204 -19.55 -18.18 -10.29
C GLU B 204 -20.29 -18.07 -8.99
N LYS B 205 -20.65 -16.85 -8.63
CA LYS B 205 -21.54 -16.61 -7.51
C LYS B 205 -22.72 -15.81 -8.09
N THR B 206 -23.92 -16.04 -7.53
CA THR B 206 -25.15 -15.37 -7.95
CA THR B 206 -25.12 -15.35 -7.99
C THR B 206 -25.88 -14.74 -6.77
N VAL B 207 -26.64 -13.68 -7.05
CA VAL B 207 -27.50 -13.01 -6.07
C VAL B 207 -28.86 -12.78 -6.74
N ALA B 208 -29.92 -12.80 -5.95
CA ALA B 208 -31.28 -12.62 -6.47
C ALA B 208 -32.01 -11.57 -5.68
N PRO B 209 -32.50 -10.51 -6.35
CA PRO B 209 -33.23 -9.45 -5.61
C PRO B 209 -34.43 -9.96 -4.81
N THR B 210 -35.14 -11.01 -5.30
CA THR B 210 -36.28 -11.54 -4.53
C THR B 210 -35.86 -12.23 -3.23
N GLU B 211 -34.61 -12.70 -3.13
CA GLU B 211 -34.10 -13.24 -1.87
C GLU B 211 -33.83 -12.12 -0.83
N CYS B 212 -33.77 -10.85 -1.27
CA CYS B 212 -33.52 -9.68 -0.44
C CYS B 212 -34.83 -9.00 -0.04
#